data_9MB3
#
_entry.id   9MB3
#
_cell.length_a   73.152
_cell.length_b   74.405
_cell.length_c   75.539
_cell.angle_alpha   90.000
_cell.angle_beta   90.000
_cell.angle_gamma   90.000
#
_symmetry.space_group_name_H-M   'P 2 21 21'
#
loop_
_entity.id
_entity.type
_entity.pdbx_description
1 polymer 'YTH domain-containing protein 1'
2 non-polymer N-[4-(1,3-thiazol-5-yl)phenyl]-4-[2-(trifluoromethyl)phenyl]carbonyl-1H-pyrrole-2-carboxamide
3 non-polymer 'SULFATE ION'
4 non-polymer 2-AMINO-2-HYDROXYMETHYL-PROPANE-1,3-DIOL
5 water water
#
_entity_poly.entity_id   1
_entity_poly.type   'polypeptide(L)'
_entity_poly.pdbx_seq_one_letter_code
;TSKLKYVLQDARFFLIKSNNHENVSLAKAKGVWSTLPVNEKKLNLAFRSARSVILIFSVRESGKFQGFARLSSESHHGGS
PIHWVLPAGMSAKMLGGVFKIDWICRRELPFTKSAHLTNPWNEHKPVKIGRDGQEIELECGTQLCLLFPPDESIDLYQVI
HKMRH
;
_entity_poly.pdbx_strand_id   A,B
#
loop_
_chem_comp.id
_chem_comp.type
_chem_comp.name
_chem_comp.formula
ND0 non-polymer N-[4-(1,3-thiazol-5-yl)phenyl]-4-[2-(trifluoromethyl)phenyl]carbonyl-1H-pyrrole-2-carboxamide 'C22 H14 F3 N3 O2 S'
SO4 non-polymer 'SULFATE ION' 'O4 S -2'
TRS non-polymer 2-AMINO-2-HYDROXYMETHYL-PROPANE-1,3-DIOL 'C4 H12 N O3 1'
#
# COMPACT_ATOMS: atom_id res chain seq x y z
C THR A 1 -28.84 -11.25 12.09
N SER A 2 -29.51 -11.92 13.02
CA SER A 2 -29.69 -11.34 14.34
C SER A 2 -28.42 -11.42 15.18
N LYS A 3 -27.72 -12.56 15.14
CA LYS A 3 -26.47 -12.66 15.88
C LYS A 3 -25.45 -11.64 15.38
N LEU A 4 -25.33 -11.51 14.05
CA LEU A 4 -24.41 -10.51 13.51
C LEU A 4 -24.81 -9.10 13.94
N LYS A 5 -26.09 -8.77 13.84
CA LYS A 5 -26.52 -7.44 14.25
C LYS A 5 -26.25 -7.21 15.73
N TYR A 6 -26.35 -8.25 16.56
CA TYR A 6 -26.02 -8.07 17.98
C TYR A 6 -24.56 -7.69 18.16
N VAL A 7 -23.66 -8.41 17.48
CA VAL A 7 -22.23 -8.14 17.62
C VAL A 7 -21.94 -6.71 17.19
N LEU A 8 -22.65 -6.22 16.16
CA LEU A 8 -22.33 -4.93 15.57
C LEU A 8 -22.97 -3.74 16.28
N GLN A 9 -23.85 -3.97 17.25
CA GLN A 9 -24.53 -2.86 17.93
C GLN A 9 -23.51 -1.89 18.50
N ASP A 10 -23.68 -0.61 18.14
CA ASP A 10 -22.86 0.49 18.64
C ASP A 10 -21.38 0.31 18.34
N ALA A 11 -21.03 -0.49 17.34
CA ALA A 11 -19.62 -0.76 17.08
C ALA A 11 -18.94 0.43 16.41
N ARG A 12 -17.61 0.46 16.52
CA ARG A 12 -16.79 1.32 15.68
C ARG A 12 -16.14 0.44 14.61
N PHE A 13 -15.97 1.01 13.42
CA PHE A 13 -15.51 0.27 12.24
C PHE A 13 -14.27 0.95 11.66
N PHE A 14 -13.23 0.18 11.38
CA PHE A 14 -12.04 0.72 10.75
C PHE A 14 -11.68 -0.06 9.50
N LEU A 15 -11.38 0.66 8.43
CA LEU A 15 -10.91 0.05 7.19
C LEU A 15 -9.41 -0.16 7.28
N ILE A 16 -8.98 -1.42 7.24
CA ILE A 16 -7.57 -1.78 7.38
C ILE A 16 -7.08 -2.19 6.00
N LYS A 17 -6.08 -1.47 5.49
CA LYS A 17 -5.56 -1.71 4.15
C LYS A 17 -4.17 -2.33 4.27
N SER A 18 -4.02 -3.53 3.74
CA SER A 18 -2.75 -4.23 3.68
C SER A 18 -2.23 -4.23 2.26
N ASN A 19 -0.91 -4.17 2.12
CA ASN A 19 -0.33 -4.19 0.79
C ASN A 19 -0.05 -5.59 0.28
N ASN A 20 -0.24 -6.61 1.09
CA ASN A 20 -0.06 -7.95 0.59
C ASN A 20 -1.13 -8.87 1.16
N HIS A 21 -1.35 -9.98 0.45
CA HIS A 21 -2.28 -10.97 0.94
C HIS A 21 -1.74 -11.72 2.14
N GLU A 22 -0.42 -11.87 2.23
CA GLU A 22 0.18 -12.73 3.26
C GLU A 22 -0.24 -12.31 4.66
N ASN A 23 -0.20 -11.02 4.95
CA ASN A 23 -0.52 -10.58 6.30
C ASN A 23 -1.97 -10.90 6.66
N VAL A 24 -2.88 -10.74 5.70
CA VAL A 24 -4.27 -11.06 5.99
C VAL A 24 -4.47 -12.57 6.13
N SER A 25 -3.74 -13.35 5.33
CA SER A 25 -3.80 -14.80 5.47
C SER A 25 -3.29 -15.26 6.84
N LEU A 26 -2.20 -14.66 7.32
CA LEU A 26 -1.69 -14.99 8.64
C LEU A 26 -2.68 -14.61 9.73
N ALA A 27 -3.29 -13.43 9.60
CA ALA A 27 -4.27 -12.99 10.58
C ALA A 27 -5.44 -13.95 10.64
N LYS A 28 -5.87 -14.47 9.48
CA LYS A 28 -7.00 -15.41 9.46
C LYS A 28 -6.63 -16.73 10.09
N ALA A 29 -5.38 -17.18 9.89
CA ALA A 29 -4.94 -18.47 10.41
C ALA A 29 -4.71 -18.41 11.90
N LYS A 30 -4.12 -17.32 12.39
CA LYS A 30 -3.68 -17.25 13.78
C LYS A 30 -4.59 -16.41 14.68
N GLY A 31 -5.54 -15.67 14.11
CA GLY A 31 -6.43 -14.86 14.92
C GLY A 31 -5.75 -13.68 15.60
N VAL A 32 -4.79 -13.05 14.94
CA VAL A 32 -4.03 -11.97 15.54
C VAL A 32 -3.80 -10.86 14.50
N TRP A 33 -3.39 -9.70 15.00
CA TRP A 33 -3.07 -8.55 14.17
C TRP A 33 -2.01 -7.73 14.90
N SER A 34 -1.23 -6.98 14.13
CA SER A 34 -0.25 -6.08 14.71
C SER A 34 -0.09 -4.89 13.79
N THR A 35 0.67 -3.90 14.24
CA THR A 35 0.89 -2.67 13.49
C THR A 35 1.85 -1.78 14.26
N LEU A 36 2.11 -0.57 13.76
CA LEU A 36 3.05 0.34 14.40
C LEU A 36 2.46 0.92 15.69
N PRO A 37 3.31 1.31 16.65
CA PRO A 37 2.78 1.73 17.96
C PRO A 37 1.77 2.89 17.91
N VAL A 38 1.90 3.84 17.00
CA VAL A 38 0.90 4.92 16.92
C VAL A 38 -0.48 4.34 16.66
N ASN A 39 -0.57 3.39 15.72
CA ASN A 39 -1.86 2.80 15.40
C ASN A 39 -2.32 1.84 16.49
N GLU A 40 -1.37 1.13 17.10
CA GLU A 40 -1.68 0.28 18.24
C GLU A 40 -2.36 1.08 19.35
N LYS A 41 -1.81 2.26 19.68
CA LYS A 41 -2.42 3.08 20.71
C LYS A 41 -3.84 3.46 20.33
N LYS A 42 -4.05 3.84 19.06
CA LYS A 42 -5.40 4.21 18.63
C LYS A 42 -6.36 3.03 18.72
N LEU A 43 -5.90 1.82 18.40
CA LEU A 43 -6.76 0.66 18.49
C LEU A 43 -7.07 0.30 19.95
N ASN A 44 -6.08 0.44 20.84
CA ASN A 44 -6.31 0.15 22.24
C ASN A 44 -7.28 1.15 22.86
N LEU A 45 -7.15 2.43 22.53
CA LEU A 45 -8.13 3.41 23.00
C LEU A 45 -9.53 3.05 22.52
N ALA A 46 -9.66 2.74 21.23
CA ALA A 46 -10.98 2.43 20.70
C ALA A 46 -11.55 1.18 21.36
N PHE A 47 -10.71 0.17 21.60
CA PHE A 47 -11.19 -1.05 22.22
C PHE A 47 -11.78 -0.76 23.60
N ARG A 48 -11.11 0.05 24.40
CA ARG A 48 -11.53 0.22 25.79
C ARG A 48 -12.84 0.97 25.91
N SER A 49 -13.15 1.84 24.96
CA SER A 49 -14.34 2.69 25.07
C SER A 49 -15.54 2.19 24.29
N ALA A 50 -15.35 1.52 23.16
CA ALA A 50 -16.45 1.10 22.31
C ALA A 50 -16.92 -0.30 22.72
N ARG A 51 -18.20 -0.55 22.47
CA ARG A 51 -18.76 -1.87 22.75
C ARG A 51 -18.08 -2.95 21.90
N SER A 52 -17.82 -2.63 20.62
CA SER A 52 -17.07 -3.49 19.73
C SER A 52 -16.25 -2.61 18.80
N VAL A 53 -15.07 -3.09 18.44
CA VAL A 53 -14.25 -2.50 17.40
C VAL A 53 -14.14 -3.53 16.29
N ILE A 54 -14.58 -3.17 15.10
CA ILE A 54 -14.61 -4.08 13.95
C ILE A 54 -13.56 -3.63 12.96
N LEU A 55 -12.68 -4.55 12.57
CA LEU A 55 -11.67 -4.31 11.54
C LEU A 55 -12.15 -4.96 10.26
N ILE A 56 -12.25 -4.18 9.19
CA ILE A 56 -12.69 -4.65 7.88
C ILE A 56 -11.46 -4.58 6.98
N PHE A 57 -11.02 -5.72 6.45
CA PHE A 57 -9.71 -5.83 5.81
C PHE A 57 -9.84 -5.73 4.30
N SER A 58 -8.93 -4.99 3.66
CA SER A 58 -8.86 -4.97 2.20
C SER A 58 -7.41 -4.96 1.75
N VAL A 59 -7.03 -5.95 0.95
CA VAL A 59 -5.70 -6.01 0.37
C VAL A 59 -5.67 -5.10 -0.86
N ARG A 60 -4.75 -4.14 -0.86
CA ARG A 60 -4.69 -3.20 -1.97
C ARG A 60 -4.48 -3.95 -3.28
N GLU A 61 -5.18 -3.49 -4.31
CA GLU A 61 -5.17 -3.97 -5.69
C GLU A 61 -5.99 -5.25 -5.86
N SER A 62 -6.59 -5.78 -4.79
CA SER A 62 -7.43 -6.97 -4.87
C SER A 62 -8.86 -6.66 -5.35
N GLY A 63 -9.29 -5.41 -5.23
CA GLY A 63 -10.67 -5.09 -5.55
C GLY A 63 -11.71 -5.76 -4.67
N LYS A 64 -11.33 -6.17 -3.47
CA LYS A 64 -12.23 -6.87 -2.58
C LYS A 64 -11.89 -6.52 -1.13
N PHE A 65 -12.87 -6.72 -0.27
CA PHE A 65 -12.62 -6.89 1.16
C PHE A 65 -12.42 -8.38 1.41
N GLN A 66 -11.44 -8.71 2.25
CA GLN A 66 -11.16 -10.12 2.53
C GLN A 66 -11.90 -10.66 3.74
N GLY A 67 -12.63 -9.83 4.48
CA GLY A 67 -13.33 -10.30 5.65
C GLY A 67 -13.33 -9.25 6.74
N PHE A 68 -13.88 -9.58 7.92
CA PHE A 68 -13.85 -8.64 9.02
C PHE A 68 -13.88 -9.39 10.35
N ALA A 69 -13.39 -8.72 11.39
CA ALA A 69 -13.14 -9.35 12.68
C ALA A 69 -13.35 -8.34 13.79
N ARG A 70 -13.62 -8.84 14.99
CA ARG A 70 -13.79 -8.00 16.16
C ARG A 70 -12.52 -8.02 17.00
N LEU A 71 -12.04 -6.85 17.41
CA LEU A 71 -10.94 -6.80 18.36
C LEU A 71 -11.34 -7.49 19.65
N SER A 72 -10.55 -8.48 20.07
CA SER A 72 -10.93 -9.29 21.22
C SER A 72 -10.29 -8.82 22.52
N SER A 73 -9.19 -8.07 22.43
CA SER A 73 -8.44 -7.69 23.62
C SER A 73 -7.57 -6.50 23.26
N GLU A 74 -7.07 -5.81 24.29
CA GLU A 74 -5.97 -4.90 24.07
C GLU A 74 -4.74 -5.68 23.59
N SER A 75 -3.80 -4.96 22.99
CA SER A 75 -2.60 -5.63 22.49
C SER A 75 -1.74 -6.15 23.64
N HIS A 76 -1.02 -7.22 23.38
CA HIS A 76 -0.12 -7.82 24.36
C HIS A 76 1.16 -8.27 23.69
N HIS A 77 2.12 -8.72 24.52
CA HIS A 77 3.43 -9.16 24.06
C HIS A 77 3.40 -9.94 22.75
N GLY A 78 2.51 -10.93 22.64
CA GLY A 78 2.38 -11.68 21.41
C GLY A 78 2.52 -13.18 21.53
N GLY A 79 3.62 -13.65 22.12
CA GLY A 79 3.88 -15.08 22.20
C GLY A 79 4.71 -15.55 21.01
N SER A 80 4.23 -16.61 20.33
CA SER A 80 4.95 -17.18 19.20
C SER A 80 5.27 -16.10 18.16
N PRO A 81 6.33 -16.27 17.39
CA PRO A 81 6.65 -15.28 16.35
C PRO A 81 5.68 -15.39 15.19
N ILE A 82 5.46 -14.26 14.52
CA ILE A 82 4.61 -14.19 13.33
C ILE A 82 5.42 -13.59 12.21
N HIS A 83 5.52 -14.31 11.09
CA HIS A 83 6.38 -13.90 9.99
C HIS A 83 5.66 -12.90 9.08
N TRP A 84 5.21 -11.79 9.69
CA TRP A 84 4.56 -10.74 8.94
C TRP A 84 5.44 -10.29 7.77
N VAL A 85 4.80 -9.89 6.67
CA VAL A 85 5.49 -9.23 5.57
C VAL A 85 5.43 -7.73 5.82
N LEU A 86 6.60 -7.11 5.97
CA LEU A 86 6.84 -5.72 6.34
C LEU A 86 7.11 -4.87 5.09
N PRO A 87 6.71 -3.60 5.09
CA PRO A 87 7.06 -2.72 3.96
C PRO A 87 8.57 -2.69 3.75
N ALA A 88 8.98 -2.47 2.51
CA ALA A 88 10.40 -2.45 2.19
C ALA A 88 11.14 -1.49 3.11
N GLY A 89 12.21 -1.99 3.74
CA GLY A 89 13.07 -1.15 4.53
C GLY A 89 12.65 -0.94 5.96
N MET A 90 11.50 -1.48 6.36
CA MET A 90 11.03 -1.36 7.73
C MET A 90 11.37 -2.63 8.52
N SER A 91 11.64 -2.45 9.81
CA SER A 91 12.06 -3.53 10.68
C SER A 91 10.90 -4.03 11.53
N ALA A 92 10.81 -5.35 11.68
CA ALA A 92 9.86 -5.92 12.62
C ALA A 92 10.05 -5.37 14.03
N LYS A 93 11.24 -4.82 14.33
CA LYS A 93 11.45 -4.25 15.66
C LYS A 93 10.64 -2.99 15.87
N MET A 94 10.15 -2.38 14.79
CA MET A 94 9.35 -1.19 14.95
C MET A 94 7.92 -1.50 15.34
N LEU A 95 7.47 -2.74 15.15
CA LEU A 95 6.08 -3.08 15.42
C LEU A 95 5.77 -3.08 16.92
N GLY A 96 4.54 -2.71 17.23
CA GLY A 96 4.02 -2.82 18.59
C GLY A 96 3.60 -4.24 18.92
N GLY A 97 2.69 -4.35 19.89
CA GLY A 97 2.21 -5.62 20.37
C GLY A 97 1.23 -6.28 19.42
N VAL A 98 0.62 -7.37 19.90
CA VAL A 98 -0.24 -8.21 19.10
C VAL A 98 -1.66 -8.16 19.66
N PHE A 99 -2.64 -7.89 18.78
CA PHE A 99 -4.04 -7.94 19.16
C PHE A 99 -4.62 -9.31 18.83
N LYS A 100 -5.39 -9.86 19.77
CA LYS A 100 -6.23 -10.99 19.45
C LYS A 100 -7.48 -10.48 18.73
N ILE A 101 -7.82 -11.10 17.60
CA ILE A 101 -9.04 -10.73 16.86
C ILE A 101 -9.91 -11.97 16.70
N ASP A 102 -11.22 -11.76 16.74
CA ASP A 102 -12.22 -12.82 16.60
C ASP A 102 -12.86 -12.62 15.24
N TRP A 103 -12.51 -13.48 14.29
CA TRP A 103 -13.05 -13.33 12.95
C TRP A 103 -14.57 -13.52 12.99
N ILE A 104 -15.27 -12.66 12.26
CA ILE A 104 -16.70 -12.77 12.08
C ILE A 104 -17.04 -13.30 10.70
N CYS A 105 -16.28 -12.89 9.69
CA CYS A 105 -16.44 -13.40 8.33
C CYS A 105 -15.08 -13.47 7.68
N ARG A 106 -14.71 -14.64 7.16
CA ARG A 106 -13.46 -14.77 6.44
C ARG A 106 -13.68 -14.89 4.93
N ARG A 107 -14.90 -14.73 4.47
CA ARG A 107 -15.21 -14.76 3.05
C ARG A 107 -15.07 -13.37 2.44
N GLU A 108 -14.79 -13.34 1.15
CA GLU A 108 -14.49 -12.11 0.42
C GLU A 108 -15.79 -11.41 0.02
N LEU A 109 -15.69 -10.08 -0.15
CA LEU A 109 -16.75 -9.25 -0.72
C LEU A 109 -16.16 -8.35 -1.78
N PRO A 110 -16.53 -8.50 -3.06
CA PRO A 110 -15.97 -7.61 -4.08
C PRO A 110 -16.50 -6.19 -3.95
N PHE A 111 -15.64 -5.22 -4.27
CA PHE A 111 -16.00 -3.82 -4.23
C PHE A 111 -17.26 -3.53 -5.05
N THR A 112 -17.47 -4.26 -6.15
CA THR A 112 -18.66 -4.00 -6.94
C THR A 112 -19.93 -4.17 -6.11
N LYS A 113 -19.91 -5.02 -5.08
CA LYS A 113 -21.09 -5.26 -4.27
C LYS A 113 -21.37 -4.16 -3.25
N SER A 114 -20.42 -3.25 -3.02
CA SER A 114 -20.59 -2.18 -2.04
C SER A 114 -20.67 -0.82 -2.72
N ALA A 115 -20.94 -0.80 -4.02
CA ALA A 115 -20.91 0.46 -4.76
C ALA A 115 -21.95 1.46 -4.29
N HIS A 116 -23.01 0.99 -3.63
CA HIS A 116 -24.07 1.86 -3.14
C HIS A 116 -23.81 2.42 -1.75
N LEU A 117 -22.74 2.01 -1.07
CA LEU A 117 -22.47 2.48 0.28
C LEU A 117 -21.40 3.56 0.24
N THR A 118 -21.77 4.75 0.72
CA THR A 118 -20.82 5.85 0.86
C THR A 118 -20.58 6.12 2.34
N ASN A 119 -19.36 6.57 2.66
CA ASN A 119 -18.96 6.77 4.03
C ASN A 119 -19.07 8.25 4.37
N PRO A 120 -20.03 8.66 5.20
CA PRO A 120 -20.21 10.09 5.48
C PRO A 120 -19.10 10.69 6.31
N TRP A 121 -18.27 9.86 6.93
CA TRP A 121 -17.11 10.35 7.65
C TRP A 121 -15.88 10.41 6.75
N ASN A 122 -16.03 10.13 5.46
CA ASN A 122 -14.97 10.31 4.48
C ASN A 122 -15.55 10.99 3.24
N GLU A 123 -16.23 12.10 3.45
CA GLU A 123 -16.69 12.97 2.37
C GLU A 123 -17.65 12.27 1.41
N HIS A 124 -18.42 11.29 1.90
CA HIS A 124 -19.40 10.57 1.09
C HIS A 124 -18.77 9.82 -0.06
N LYS A 125 -17.48 9.49 0.04
CA LYS A 125 -16.84 8.63 -0.94
C LYS A 125 -17.26 7.18 -0.73
N PRO A 126 -17.31 6.38 -1.79
CA PRO A 126 -17.65 4.96 -1.64
C PRO A 126 -16.81 4.33 -0.52
N VAL A 127 -17.43 3.43 0.24
CA VAL A 127 -16.80 2.96 1.46
C VAL A 127 -15.50 2.20 1.20
N LYS A 128 -15.32 1.65 -0.01
CA LYS A 128 -14.03 1.02 -0.38
C LYS A 128 -12.87 2.00 -0.34
N ILE A 129 -13.13 3.30 -0.47
CA ILE A 129 -12.10 4.33 -0.54
C ILE A 129 -11.70 4.74 0.86
N GLY A 130 -10.40 4.75 1.11
CA GLY A 130 -9.92 5.34 2.36
C GLY A 130 -8.48 4.97 2.62
N ARG A 131 -7.76 5.86 3.30
CA ARG A 131 -6.44 5.48 3.78
C ARG A 131 -6.55 4.40 4.85
N ASP A 132 -5.45 3.70 5.07
CA ASP A 132 -5.38 2.72 6.14
C ASP A 132 -5.85 3.31 7.46
N GLY A 133 -6.78 2.61 8.11
CA GLY A 133 -7.33 3.09 9.37
C GLY A 133 -8.53 4.01 9.25
N GLN A 134 -8.98 4.32 8.04
CA GLN A 134 -10.13 5.19 7.90
C GLN A 134 -11.32 4.66 8.69
N GLU A 135 -11.91 5.53 9.50
CA GLU A 135 -13.07 5.10 10.27
C GLU A 135 -14.33 5.18 9.42
N ILE A 136 -15.24 4.23 9.63
CA ILE A 136 -16.47 4.15 8.85
C ILE A 136 -17.63 4.42 9.79
N GLU A 137 -18.49 5.34 9.40
CA GLU A 137 -19.66 5.67 10.21
C GLU A 137 -20.49 4.44 10.53
N LEU A 138 -21.14 4.47 11.71
CA LEU A 138 -21.87 3.34 12.28
C LEU A 138 -22.79 2.63 11.27
N GLU A 139 -23.75 3.35 10.68
CA GLU A 139 -24.72 2.66 9.83
C GLU A 139 -24.07 2.15 8.54
N CYS A 140 -23.13 2.92 7.98
CA CYS A 140 -22.42 2.47 6.77
C CYS A 140 -21.60 1.21 7.05
N GLY A 141 -20.90 1.17 8.18
CA GLY A 141 -20.13 -0.01 8.52
C GLY A 141 -21.00 -1.20 8.79
N THR A 142 -22.13 -0.97 9.46
CA THR A 142 -23.08 -2.06 9.72
C THR A 142 -23.57 -2.67 8.41
N GLN A 143 -24.05 -1.83 7.50
CA GLN A 143 -24.53 -2.33 6.21
C GLN A 143 -23.42 -2.99 5.40
N LEU A 144 -22.18 -2.48 5.48
CA LEU A 144 -21.11 -3.14 4.74
C LEU A 144 -20.89 -4.55 5.27
N CYS A 145 -20.86 -4.70 6.60
CA CYS A 145 -20.64 -6.02 7.18
C CYS A 145 -21.79 -6.97 6.84
N LEU A 146 -23.02 -6.46 6.81
CA LEU A 146 -24.17 -7.27 6.43
C LEU A 146 -24.14 -7.71 4.97
N LEU A 147 -23.38 -7.03 4.12
CA LEU A 147 -23.27 -7.44 2.71
C LEU A 147 -22.44 -8.71 2.53
N PHE A 148 -21.49 -8.97 3.43
CA PHE A 148 -20.68 -10.17 3.30
C PHE A 148 -21.54 -11.43 3.32
N PRO A 149 -21.15 -12.47 2.58
CA PRO A 149 -21.88 -13.73 2.65
C PRO A 149 -21.71 -14.35 4.03
N PRO A 150 -22.76 -14.96 4.57
CA PRO A 150 -22.60 -15.67 5.85
C PRO A 150 -21.45 -16.67 5.79
N ASP A 151 -20.74 -16.77 6.90
CA ASP A 151 -19.57 -17.64 6.98
C ASP A 151 -19.91 -18.77 7.94
N GLU A 152 -20.38 -19.90 7.38
CA GLU A 152 -20.73 -21.05 8.20
C GLU A 152 -19.54 -21.59 8.99
N SER A 153 -18.31 -21.36 8.53
CA SER A 153 -17.13 -21.86 9.25
C SER A 153 -16.89 -21.13 10.56
N ILE A 154 -17.69 -20.13 10.87
CA ILE A 154 -17.51 -19.31 12.06
C ILE A 154 -18.71 -19.49 12.95
N ASP A 155 -18.45 -19.71 14.25
CA ASP A 155 -19.50 -19.84 15.26
C ASP A 155 -19.64 -18.49 15.94
N LEU A 156 -20.72 -17.77 15.62
CA LEU A 156 -20.91 -16.43 16.17
C LEU A 156 -21.14 -16.46 17.67
N TYR A 157 -21.58 -17.59 18.21
CA TYR A 157 -21.66 -17.70 19.67
C TYR A 157 -20.29 -17.56 20.32
N GLN A 158 -19.25 -18.13 19.69
CA GLN A 158 -17.90 -17.98 20.23
C GLN A 158 -17.46 -16.52 20.22
N VAL A 159 -17.79 -15.79 19.15
CA VAL A 159 -17.51 -14.36 19.11
C VAL A 159 -18.27 -13.64 20.21
N ILE A 160 -19.57 -13.95 20.33
CA ILE A 160 -20.43 -13.26 21.29
C ILE A 160 -19.99 -13.56 22.72
N HIS A 161 -19.60 -14.81 22.99
CA HIS A 161 -19.19 -15.17 24.35
C HIS A 161 -17.90 -14.48 24.76
N LYS A 162 -17.06 -14.07 23.81
CA LYS A 162 -15.82 -13.37 24.16
C LYS A 162 -16.04 -11.88 24.37
N MET A 163 -17.25 -11.37 24.11
CA MET A 163 -17.57 -9.97 24.41
C MET A 163 -17.70 -9.76 25.91
N ARG A 164 -17.17 -8.64 26.39
CA ARG A 164 -17.16 -8.36 27.81
C ARG A 164 -17.79 -7.00 28.12
N HIS A 165 -18.75 -6.58 27.30
CA HIS A 165 -19.42 -5.31 27.52
C HIS A 165 -20.36 -5.38 28.73
C THR B 1 13.17 6.79 -29.81
N SER B 2 14.05 7.34 -30.65
CA SER B 2 15.47 7.05 -30.48
C SER B 2 16.02 7.68 -29.21
N LYS B 3 15.55 8.88 -28.86
CA LYS B 3 16.06 9.56 -27.67
C LYS B 3 15.66 8.80 -26.41
N LEU B 4 14.40 8.38 -26.33
CA LEU B 4 13.97 7.58 -25.20
C LEU B 4 14.78 6.29 -25.09
N LYS B 5 15.01 5.62 -26.21
CA LYS B 5 15.76 4.38 -26.19
C LYS B 5 17.20 4.60 -25.76
N TYR B 6 17.81 5.73 -26.17
CA TYR B 6 19.14 6.08 -25.69
C TYR B 6 19.14 6.20 -24.16
N VAL B 7 18.15 6.90 -23.62
CA VAL B 7 18.07 7.08 -22.16
C VAL B 7 17.96 5.74 -21.48
N LEU B 8 17.23 4.80 -22.08
CA LEU B 8 16.98 3.52 -21.45
C LEU B 8 18.09 2.50 -21.66
N GLN B 9 19.08 2.80 -22.49
CA GLN B 9 20.11 1.81 -22.78
C GLN B 9 20.79 1.30 -21.51
N ASP B 10 20.86 -0.02 -21.37
CA ASP B 10 21.52 -0.69 -20.25
C ASP B 10 20.99 -0.21 -18.90
N ALA B 11 19.76 0.30 -18.85
CA ALA B 11 19.27 0.80 -17.58
C ALA B 11 18.90 -0.37 -16.66
N ARG B 12 18.84 -0.05 -15.37
CA ARG B 12 18.14 -0.87 -14.40
C ARG B 12 16.81 -0.21 -14.06
N PHE B 13 15.80 -1.04 -13.82
CA PHE B 13 14.42 -0.59 -13.66
C PHE B 13 13.85 -1.06 -12.34
N PHE B 14 13.21 -0.15 -11.60
CA PHE B 14 12.56 -0.56 -10.35
C PHE B 14 11.12 -0.10 -10.35
N LEU B 15 10.23 -1.01 -9.92
CA LEU B 15 8.82 -0.70 -9.75
C LEU B 15 8.60 -0.08 -8.37
N ILE B 16 8.12 1.15 -8.35
CA ILE B 16 7.96 1.91 -7.12
C ILE B 16 6.46 2.06 -6.88
N LYS B 17 5.97 1.53 -5.76
CA LYS B 17 4.54 1.55 -5.46
C LYS B 17 4.26 2.47 -4.28
N SER B 18 3.41 3.47 -4.51
CA SER B 18 2.99 4.42 -3.49
C SER B 18 1.57 4.10 -3.07
N ASN B 19 1.29 4.22 -1.75
CA ASN B 19 -0.06 3.98 -1.24
C ASN B 19 -1.05 5.07 -1.64
N ASN B 20 -0.57 6.24 -2.08
CA ASN B 20 -1.48 7.34 -2.37
C ASN B 20 -0.97 8.15 -3.55
N HIS B 21 -1.85 8.96 -4.11
CA HIS B 21 -1.49 9.82 -5.25
C HIS B 21 -0.63 10.99 -4.84
N GLU B 22 -0.78 11.48 -3.62
CA GLU B 22 -0.11 12.74 -3.26
C GLU B 22 1.40 12.63 -3.38
N ASN B 23 2.00 11.49 -3.03
CA ASN B 23 3.45 11.42 -3.08
C ASN B 23 3.96 11.46 -4.51
N VAL B 24 3.23 10.84 -5.45
CA VAL B 24 3.66 10.88 -6.83
C VAL B 24 3.45 12.27 -7.41
N SER B 25 2.37 12.96 -7.01
CA SER B 25 2.15 14.33 -7.46
C SER B 25 3.23 15.27 -6.96
N LEU B 26 3.60 15.16 -5.67
CA LEU B 26 4.73 15.94 -5.17
C LEU B 26 6.00 15.64 -5.94
N ALA B 27 6.26 14.36 -6.25
CA ALA B 27 7.45 14.00 -7.01
C ALA B 27 7.44 14.62 -8.39
N LYS B 28 6.27 14.70 -9.05
CA LYS B 28 6.19 15.34 -10.35
C LYS B 28 6.40 16.85 -10.24
N ALA B 29 5.82 17.46 -9.20
CA ALA B 29 5.93 18.91 -9.05
C ALA B 29 7.34 19.32 -8.68
N LYS B 30 8.01 18.53 -7.86
CA LYS B 30 9.28 18.93 -7.26
C LYS B 30 10.50 18.22 -7.84
N GLY B 31 10.32 17.13 -8.59
CA GLY B 31 11.45 16.45 -9.18
C GLY B 31 12.33 15.76 -8.15
N VAL B 32 11.72 15.18 -7.12
CA VAL B 32 12.45 14.55 -6.04
C VAL B 32 11.71 13.30 -5.57
N TRP B 33 12.44 12.46 -4.82
CA TRP B 33 11.87 11.25 -4.24
C TRP B 33 12.60 10.97 -2.93
N SER B 34 11.93 10.26 -2.04
CA SER B 34 12.55 9.88 -0.78
C SER B 34 11.98 8.53 -0.37
N THR B 35 12.60 7.90 0.62
CA THR B 35 12.19 6.58 1.10
C THR B 35 12.98 6.29 2.37
N LEU B 36 12.77 5.09 2.91
CA LEU B 36 13.49 4.69 4.13
C LEU B 36 14.96 4.39 3.82
N PRO B 37 15.86 4.54 4.81
CA PRO B 37 17.31 4.40 4.55
C PRO B 37 17.70 3.08 3.89
N VAL B 38 17.07 1.96 4.24
CA VAL B 38 17.48 0.69 3.64
C VAL B 38 17.29 0.73 2.13
N ASN B 39 16.15 1.28 1.70
CA ASN B 39 15.88 1.39 0.27
C ASN B 39 16.75 2.44 -0.37
N GLU B 40 16.97 3.56 0.33
CA GLU B 40 17.87 4.61 -0.14
C GLU B 40 19.25 4.06 -0.44
N LYS B 41 19.78 3.25 0.46
CA LYS B 41 21.09 2.63 0.23
C LYS B 41 21.08 1.84 -1.07
N LYS B 42 20.05 1.02 -1.27
CA LYS B 42 20.00 0.19 -2.47
C LYS B 42 19.92 1.04 -3.72
N LEU B 43 19.18 2.15 -3.68
CA LEU B 43 19.08 3.02 -4.86
C LEU B 43 20.40 3.71 -5.13
N ASN B 44 21.07 4.19 -4.06
CA ASN B 44 22.37 4.81 -4.23
C ASN B 44 23.38 3.83 -4.84
N LEU B 45 23.42 2.59 -4.35
CA LEU B 45 24.30 1.58 -4.94
C LEU B 45 23.97 1.37 -6.41
N ALA B 46 22.68 1.19 -6.72
CA ALA B 46 22.27 0.98 -8.10
C ALA B 46 22.66 2.17 -8.98
N PHE B 47 22.49 3.39 -8.45
CA PHE B 47 22.86 4.58 -9.22
C PHE B 47 24.32 4.56 -9.60
N ARG B 48 25.21 4.20 -8.68
CA ARG B 48 26.63 4.23 -9.00
C ARG B 48 27.04 3.07 -9.90
N SER B 49 26.23 2.03 -9.99
CA SER B 49 26.62 0.80 -10.68
C SER B 49 26.11 0.71 -12.11
N ALA B 50 25.09 1.48 -12.47
CA ALA B 50 24.40 1.30 -13.73
C ALA B 50 24.40 2.59 -14.53
N ARG B 51 24.34 2.45 -15.85
CA ARG B 51 24.33 3.61 -16.72
C ARG B 51 23.15 4.51 -16.39
N SER B 52 21.98 3.93 -16.12
CA SER B 52 20.78 4.66 -15.72
C SER B 52 20.00 3.78 -14.75
N VAL B 53 19.33 4.43 -13.80
CA VAL B 53 18.36 3.79 -12.92
C VAL B 53 17.02 4.45 -13.20
N ILE B 54 16.04 3.67 -13.59
CA ILE B 54 14.72 4.17 -13.98
C ILE B 54 13.74 3.73 -12.91
N LEU B 55 13.02 4.68 -12.32
CA LEU B 55 11.93 4.39 -11.40
C LEU B 55 10.62 4.48 -12.17
N ILE B 56 9.81 3.40 -12.11
CA ILE B 56 8.49 3.35 -12.73
C ILE B 56 7.48 3.39 -11.59
N PHE B 57 6.63 4.40 -11.57
CA PHE B 57 5.75 4.68 -10.44
C PHE B 57 4.35 4.13 -10.66
N SER B 58 3.81 3.51 -9.61
CA SER B 58 2.40 3.12 -9.62
C SER B 58 1.76 3.35 -8.26
N VAL B 59 0.62 4.05 -8.26
CA VAL B 59 -0.16 4.29 -7.05
C VAL B 59 -1.09 3.10 -6.86
N ARG B 60 -1.00 2.45 -5.70
CA ARG B 60 -1.81 1.27 -5.45
C ARG B 60 -3.28 1.63 -5.53
N GLU B 61 -4.09 0.68 -5.97
CA GLU B 61 -5.54 0.87 -6.10
C GLU B 61 -5.88 1.78 -7.27
N SER B 62 -4.89 2.26 -8.04
CA SER B 62 -5.17 3.09 -9.19
C SER B 62 -5.35 2.30 -10.48
N GLY B 63 -4.78 1.11 -10.55
CA GLY B 63 -4.82 0.33 -11.79
C GLY B 63 -3.97 0.89 -12.91
N LYS B 64 -3.01 1.76 -12.62
CA LYS B 64 -2.23 2.43 -13.64
C LYS B 64 -0.81 2.63 -13.14
N PHE B 65 0.11 2.83 -14.09
CA PHE B 65 1.39 3.48 -13.81
C PHE B 65 1.18 4.98 -14.01
N GLN B 66 1.89 5.79 -13.24
CA GLN B 66 1.76 7.24 -13.38
C GLN B 66 2.91 7.91 -14.12
N GLY B 67 3.91 7.17 -14.55
CA GLY B 67 5.04 7.75 -15.25
C GLY B 67 6.34 7.11 -14.86
N PHE B 68 7.46 7.61 -15.37
CA PHE B 68 8.75 7.08 -14.96
C PHE B 68 9.81 8.16 -15.08
N ALA B 69 10.90 7.98 -14.34
CA ALA B 69 11.91 9.01 -14.16
C ALA B 69 13.27 8.36 -13.99
N ARG B 70 14.32 9.10 -14.30
CA ARG B 70 15.69 8.64 -14.13
C ARG B 70 16.25 9.24 -12.84
N LEU B 71 16.87 8.40 -12.00
CA LEU B 71 17.65 8.91 -10.88
C LEU B 71 18.73 9.84 -11.39
N SER B 72 18.75 11.07 -10.88
CA SER B 72 19.68 12.06 -11.39
C SER B 72 20.98 12.12 -10.61
N SER B 73 20.98 11.63 -9.38
CA SER B 73 22.16 11.67 -8.53
C SER B 73 21.87 10.85 -7.29
N GLU B 74 22.91 10.65 -6.48
CA GLU B 74 22.72 10.02 -5.18
C GLU B 74 21.90 10.94 -4.28
N SER B 75 21.38 10.37 -3.19
CA SER B 75 20.55 11.14 -2.28
C SER B 75 21.38 12.18 -1.52
N HIS B 76 20.71 13.26 -1.12
CA HIS B 76 21.34 14.35 -0.38
C HIS B 76 20.36 14.87 0.66
N HIS B 77 20.84 15.78 1.53
CA HIS B 77 20.06 16.20 2.69
C HIS B 77 18.67 16.76 2.32
N GLY B 78 18.55 17.41 1.15
CA GLY B 78 17.28 17.98 0.75
C GLY B 78 17.05 19.37 1.30
N GLY B 79 15.96 19.97 0.87
CA GLY B 79 15.59 21.32 1.27
C GLY B 79 14.61 21.34 2.42
N SER B 80 13.66 22.28 2.36
CA SER B 80 12.63 22.35 3.39
C SER B 80 11.80 21.07 3.36
N PRO B 81 11.20 20.70 4.50
CA PRO B 81 10.38 19.50 4.53
C PRO B 81 9.35 19.48 3.40
N ILE B 82 9.13 18.30 2.86
CA ILE B 82 8.09 18.04 1.88
C ILE B 82 6.96 17.32 2.59
N HIS B 83 5.72 17.73 2.32
CA HIS B 83 4.58 17.18 3.03
C HIS B 83 4.18 15.83 2.46
N TRP B 84 5.13 14.91 2.37
CA TRP B 84 4.80 13.54 1.98
C TRP B 84 3.68 12.99 2.86
N VAL B 85 2.86 12.12 2.28
CA VAL B 85 1.78 11.44 3.01
C VAL B 85 2.33 10.08 3.43
N LEU B 86 2.69 9.96 4.71
CA LEU B 86 3.37 8.77 5.19
C LEU B 86 2.37 7.70 5.63
N PRO B 87 2.76 6.43 5.58
CA PRO B 87 1.87 5.39 6.08
C PRO B 87 1.48 5.67 7.52
N ALA B 88 0.26 5.28 7.87
CA ALA B 88 -0.26 5.44 9.22
C ALA B 88 0.77 5.05 10.29
N GLY B 89 1.06 5.98 11.19
CA GLY B 89 1.94 5.70 12.30
C GLY B 89 3.42 5.89 12.06
N MET B 90 3.83 6.18 10.84
CA MET B 90 5.25 6.35 10.53
C MET B 90 5.65 7.80 10.77
N SER B 91 6.82 7.99 11.36
CA SER B 91 7.34 9.33 11.57
C SER B 91 8.16 9.76 10.36
N ALA B 92 7.97 11.01 9.94
CA ALA B 92 8.82 11.56 8.90
C ALA B 92 10.30 11.53 9.30
N LYS B 93 10.59 11.42 10.59
CA LYS B 93 11.97 11.33 11.04
C LYS B 93 12.65 10.05 10.59
N MET B 94 11.87 9.07 10.11
CA MET B 94 12.47 7.83 9.64
C MET B 94 12.96 7.91 8.20
N LEU B 95 12.54 8.91 7.44
CA LEU B 95 12.94 8.99 6.05
C LEU B 95 14.41 9.35 5.91
N GLY B 96 15.03 8.80 4.86
CA GLY B 96 16.38 9.15 4.49
C GLY B 96 16.46 10.44 3.71
N GLY B 97 17.49 10.54 2.87
CA GLY B 97 17.74 11.73 2.09
C GLY B 97 16.81 11.82 0.89
N VAL B 98 17.09 12.81 0.06
CA VAL B 98 16.23 13.15 -1.07
C VAL B 98 17.01 12.90 -2.36
N PHE B 99 16.42 12.11 -3.26
CA PHE B 99 16.94 11.90 -4.60
C PHE B 99 16.36 12.94 -5.55
N LYS B 100 17.20 13.53 -6.38
CA LYS B 100 16.70 14.30 -7.50
C LYS B 100 16.41 13.34 -8.65
N ILE B 101 15.23 13.46 -9.25
CA ILE B 101 14.84 12.60 -10.36
C ILE B 101 14.49 13.46 -11.56
N ASP B 102 14.83 12.97 -12.75
CA ASP B 102 14.53 13.63 -14.01
C ASP B 102 13.40 12.86 -14.67
N TRP B 103 12.22 13.46 -14.73
CA TRP B 103 11.07 12.77 -15.31
C TRP B 103 11.28 12.55 -16.80
N ILE B 104 10.99 11.32 -17.24
CA ILE B 104 10.98 11.01 -18.66
C ILE B 104 9.57 10.93 -19.22
N CYS B 105 8.60 10.52 -18.42
CA CYS B 105 7.20 10.52 -18.81
C CYS B 105 6.37 10.78 -17.56
N ARG B 106 5.51 11.79 -17.61
CA ARG B 106 4.57 12.05 -16.53
C ARG B 106 3.14 11.63 -16.88
N ARG B 107 2.96 10.97 -18.01
CA ARG B 107 1.64 10.50 -18.42
C ARG B 107 1.37 9.09 -17.89
N GLU B 108 0.09 8.77 -17.75
CA GLU B 108 -0.31 7.49 -17.19
C GLU B 108 -0.32 6.39 -18.25
N LEU B 109 -0.17 5.15 -17.77
CA LEU B 109 -0.37 3.95 -18.58
C LEU B 109 -1.23 2.96 -17.79
N PRO B 110 -2.45 2.66 -18.25
CA PRO B 110 -3.26 1.65 -17.55
C PRO B 110 -2.63 0.27 -17.59
N PHE B 111 -2.86 -0.51 -16.52
CA PHE B 111 -2.34 -1.86 -16.46
C PHE B 111 -2.85 -2.71 -17.60
N THR B 112 -4.04 -2.40 -18.13
CA THR B 112 -4.58 -3.17 -19.25
C THR B 112 -3.64 -3.14 -20.45
N LYS B 113 -2.88 -2.06 -20.62
CA LYS B 113 -1.98 -1.93 -21.77
C LYS B 113 -0.66 -2.67 -21.61
N SER B 114 -0.29 -3.07 -20.38
CA SER B 114 0.94 -3.80 -20.13
C SER B 114 0.67 -5.28 -19.85
N ALA B 115 -0.55 -5.75 -20.07
CA ALA B 115 -0.96 -7.09 -19.66
C ALA B 115 -0.20 -8.19 -20.40
N HIS B 116 0.44 -7.87 -21.51
CA HIS B 116 1.15 -8.86 -22.30
C HIS B 116 2.60 -9.04 -21.88
N LEU B 117 3.13 -8.15 -21.03
CA LEU B 117 4.54 -8.21 -20.63
C LEU B 117 4.68 -8.96 -19.32
N THR B 118 5.70 -9.80 -19.23
CA THR B 118 6.02 -10.53 -18.00
C THR B 118 7.46 -10.25 -17.59
N ASN B 119 7.68 -10.27 -16.28
CA ASN B 119 8.98 -9.94 -15.73
C ASN B 119 9.70 -11.23 -15.38
N PRO B 120 10.75 -11.62 -16.13
CA PRO B 120 11.47 -12.85 -15.77
C PRO B 120 12.06 -12.81 -14.37
N TRP B 121 12.28 -11.63 -13.81
CA TRP B 121 12.87 -11.53 -12.48
C TRP B 121 11.81 -11.53 -11.39
N ASN B 122 10.54 -11.74 -11.75
CA ASN B 122 9.48 -11.99 -10.78
C ASN B 122 8.61 -13.14 -11.25
N GLU B 123 9.25 -14.25 -11.57
CA GLU B 123 8.57 -15.51 -11.92
C GLU B 123 7.65 -15.35 -13.13
N HIS B 124 8.01 -14.42 -14.03
CA HIS B 124 7.21 -14.14 -15.21
C HIS B 124 5.77 -13.73 -14.88
N LYS B 125 5.55 -13.19 -13.68
CA LYS B 125 4.27 -12.55 -13.43
C LYS B 125 4.15 -11.27 -14.27
N PRO B 126 2.93 -10.84 -14.57
CA PRO B 126 2.74 -9.58 -15.30
C PRO B 126 3.53 -8.45 -14.64
N VAL B 127 4.04 -7.54 -15.46
CA VAL B 127 4.98 -6.56 -14.93
C VAL B 127 4.33 -5.62 -13.91
N LYS B 128 2.99 -5.46 -13.93
CA LYS B 128 2.33 -4.68 -12.88
C LYS B 128 2.46 -5.31 -11.50
N ILE B 129 2.71 -6.61 -11.42
CA ILE B 129 2.73 -7.32 -10.15
C ILE B 129 4.12 -7.22 -9.55
N GLY B 130 4.16 -6.85 -8.27
CA GLY B 130 5.42 -6.86 -7.56
C GLY B 130 5.32 -6.05 -6.29
N ARG B 131 6.13 -6.42 -5.31
CA ARG B 131 6.26 -5.59 -4.14
C ARG B 131 7.01 -4.31 -4.49
N ASP B 132 6.85 -3.31 -3.64
CA ASP B 132 7.58 -2.06 -3.81
C ASP B 132 9.08 -2.33 -3.97
N GLY B 133 9.68 -1.76 -5.01
CA GLY B 133 11.10 -1.96 -5.27
C GLY B 133 11.44 -3.15 -6.16
N GLN B 134 10.46 -3.96 -6.55
CA GLN B 134 10.72 -5.08 -7.44
C GLN B 134 11.51 -4.61 -8.65
N GLU B 135 12.60 -5.32 -8.97
CA GLU B 135 13.42 -4.96 -10.13
C GLU B 135 12.86 -5.61 -11.37
N ILE B 136 12.87 -4.87 -12.48
CA ILE B 136 12.33 -5.37 -13.74
C ILE B 136 13.50 -5.64 -14.69
N GLU B 137 13.49 -6.83 -15.28
CA GLU B 137 14.55 -7.23 -16.20
C GLU B 137 14.66 -6.24 -17.36
N LEU B 138 15.89 -6.09 -17.87
CA LEU B 138 16.22 -5.05 -18.85
C LEU B 138 15.22 -4.95 -20.00
N GLU B 139 15.04 -6.04 -20.75
CA GLU B 139 14.19 -5.96 -21.94
C GLU B 139 12.73 -5.72 -21.56
N CYS B 140 12.24 -6.39 -20.51
CA CYS B 140 10.88 -6.15 -20.04
C CYS B 140 10.68 -4.68 -19.66
N GLY B 141 11.62 -4.14 -18.89
CA GLY B 141 11.50 -2.76 -18.45
C GLY B 141 11.56 -1.78 -19.62
N THR B 142 12.41 -2.08 -20.61
CA THR B 142 12.46 -1.23 -21.79
C THR B 142 11.13 -1.26 -22.54
N GLN B 143 10.56 -2.44 -22.76
CA GLN B 143 9.27 -2.52 -23.45
C GLN B 143 8.18 -1.81 -22.65
N LEU B 144 8.21 -1.93 -21.33
CA LEU B 144 7.17 -1.26 -20.55
C LEU B 144 7.25 0.24 -20.74
N CYS B 145 8.46 0.80 -20.67
CA CYS B 145 8.61 2.23 -20.82
C CYS B 145 8.19 2.68 -22.21
N LEU B 146 8.49 1.86 -23.23
CA LEU B 146 8.08 2.24 -24.58
C LEU B 146 6.56 2.20 -24.79
N LEU B 147 5.82 1.54 -23.90
CA LEU B 147 4.36 1.53 -23.98
C LEU B 147 3.72 2.84 -23.55
N PHE B 148 4.42 3.65 -22.75
CA PHE B 148 3.82 4.91 -22.30
C PHE B 148 3.63 5.84 -23.50
N PRO B 149 2.61 6.69 -23.46
CA PRO B 149 2.49 7.71 -24.49
C PRO B 149 3.64 8.70 -24.40
N PRO B 150 4.18 9.16 -25.53
CA PRO B 150 5.23 10.19 -25.46
C PRO B 150 4.70 11.44 -24.75
N ASP B 151 5.56 12.01 -23.91
CA ASP B 151 5.18 13.17 -23.10
C ASP B 151 5.78 14.41 -23.74
N GLU B 152 4.94 15.18 -24.42
CA GLU B 152 5.41 16.37 -25.12
C GLU B 152 5.84 17.48 -24.16
N SER B 153 5.41 17.42 -22.90
CA SER B 153 5.80 18.40 -21.90
C SER B 153 7.21 18.18 -21.38
N ILE B 154 7.88 17.12 -21.80
CA ILE B 154 9.22 16.80 -21.32
C ILE B 154 10.21 16.94 -22.47
N ASP B 155 11.33 17.58 -22.19
CA ASP B 155 12.41 17.75 -23.15
C ASP B 155 13.48 16.71 -22.85
N LEU B 156 13.53 15.65 -23.66
CA LEU B 156 14.46 14.56 -23.37
C LEU B 156 15.91 15.01 -23.46
N TYR B 157 16.20 16.10 -24.19
CA TYR B 157 17.58 16.60 -24.22
C TYR B 157 18.03 17.04 -22.83
N GLN B 158 17.14 17.65 -22.05
CA GLN B 158 17.50 18.02 -20.69
C GLN B 158 17.79 16.80 -19.84
N VAL B 159 17.05 15.71 -20.08
CA VAL B 159 17.34 14.45 -19.40
C VAL B 159 18.70 13.91 -19.84
N ILE B 160 18.94 13.89 -21.16
CA ILE B 160 20.19 13.36 -21.69
C ILE B 160 21.37 14.20 -21.23
N HIS B 161 21.19 15.52 -21.15
CA HIS B 161 22.31 16.38 -20.74
C HIS B 161 22.72 16.11 -19.29
N LYS B 162 21.77 15.78 -18.41
CA LYS B 162 22.10 15.51 -17.02
C LYS B 162 22.74 14.14 -16.82
N MET B 163 22.81 13.30 -17.85
CA MET B 163 23.46 12.00 -17.72
C MET B 163 24.97 12.17 -17.66
N ARG B 164 25.61 11.39 -16.80
CA ARG B 164 27.05 11.54 -16.59
C ARG B 164 27.76 10.20 -16.69
N HIS B 165 27.32 9.35 -17.62
CA HIS B 165 27.95 8.03 -17.79
C HIS B 165 29.23 8.14 -18.61
C10 ND0 C . -1.72 -2.70 7.47
C12 ND0 C . -2.24 -2.22 9.53
C13 ND0 C . -1.42 -3.32 9.60
C1 ND0 C . 0.65 -7.01 10.74
C2 ND0 C . 1.97 -6.72 10.98
C3 ND0 C . 2.63 -5.78 10.19
C4 ND0 C . 1.96 -5.12 9.18
C5 ND0 C . 0.63 -5.43 8.94
C6 ND0 C . -0.01 -6.39 9.71
C7 ND0 C . -0.17 -4.75 7.84
C9 ND0 C . -1.09 -3.62 8.29
C14 ND0 C . -2.96 -1.52 10.66
C17 ND0 C . -4.01 0.75 11.24
C18 ND0 C . -3.96 2.10 10.93
C19 ND0 C . -4.68 3.00 11.65
C20 ND0 C . -5.51 2.60 12.68
C21 ND0 C . -5.61 1.24 12.97
C22 ND0 C . -4.88 0.31 12.24
C23 ND0 C . -6.30 3.49 13.39
C25 ND0 C . -8.05 4.66 14.86
C27 ND0 C . -6.39 4.87 13.31
C28 ND0 C . 2.70 -4.10 8.32
F29 ND0 C . 1.93 -3.02 8.04
F30 ND0 C . 3.05 -4.67 7.13
F31 ND0 C . 3.83 -3.72 8.97
N11 ND0 C . -2.42 -1.90 8.25
N16 ND0 C . -3.24 -0.13 10.37
N26 ND0 C . -7.30 5.45 14.11
O8 ND0 C . -0.12 -5.05 6.69
O15 ND0 C . -3.33 -2.09 11.64
S24 ND0 C . -7.53 3.04 14.51
H101 ND0 C . -1.66 -2.64 6.55
H131 ND0 C . -1.15 -3.78 10.37
H011 ND0 C . 0.21 -7.63 11.28
H021 ND0 C . 2.43 -7.17 11.65
H031 ND0 C . 3.52 -5.60 10.35
H061 ND0 C . -0.90 -6.60 9.54
H181 ND0 C . -3.43 2.38 10.21
H191 ND0 C . -4.62 3.91 11.45
H211 ND0 C . -6.16 0.94 13.65
H221 ND0 C . -4.96 -0.60 12.42
H251 ND0 C . -8.71 4.92 15.45
H271 ND0 C . -5.85 5.37 12.75
H111 ND0 C . -2.93 -1.26 7.97
H161 ND0 C . -2.93 0.20 9.64
S SO4 D . -1.58 4.56 4.42
O1 SO4 D . -1.60 5.07 5.80
O2 SO4 D . -0.68 5.38 3.61
O3 SO4 D . -1.10 3.19 4.48
O4 SO4 D . -2.93 4.62 3.84
S SO4 E . -14.82 -17.08 -0.14
O1 SO4 E . -16.26 -16.85 -0.12
O2 SO4 E . -14.06 -15.82 -0.03
O3 SO4 E . -14.46 -17.96 0.98
O4 SO4 E . -14.42 -17.71 -1.40
C TRS F . -15.14 -3.52 26.59
C1 TRS F . -13.73 -2.95 26.40
C2 TRS F . -15.70 -3.91 25.21
C3 TRS F . -16.04 -2.47 27.23
N TRS F . -15.07 -4.72 27.41
O1 TRS F . -13.24 -2.51 27.63
O2 TRS F . -17.06 -4.21 25.33
O3 TRS F . -15.97 -1.28 26.49
H11 TRS F . -13.76 -2.21 25.77
H12 TRS F . -13.15 -3.65 26.04
H21 TRS F . -15.22 -4.70 24.90
H22 TRS F . -15.58 -3.18 24.59
H31 TRS F . -15.74 -2.30 28.15
H32 TRS F . -16.96 -2.79 27.25
HN1 TRS F . -15.06 -4.48 28.27
HN2 TRS F . -14.34 -5.17 27.21
HO1 TRS F . -13.06 -1.69 27.59
HO2 TRS F . -17.39 -4.35 24.56
HO3 TRS F . -15.55 -0.70 26.93
C10 ND0 G . 6.84 4.27 -1.86
C12 ND0 G . 9.00 4.31 -2.02
C13 ND0 G . 8.65 5.55 -1.54
C1 ND0 G . 8.42 9.80 -0.54
C2 ND0 G . 8.48 9.94 0.83
C3 ND0 G . 7.86 9.01 1.66
C4 ND0 G . 7.18 7.93 1.13
C5 ND0 G . 7.13 7.80 -0.26
C6 ND0 G . 7.75 8.72 -1.08
C7 ND0 G . 6.39 6.62 -0.89
C9 ND0 G . 7.27 5.51 -1.42
C14 ND0 G . 10.36 3.78 -2.41
C17 ND0 G . 11.64 1.59 -2.59
C18 ND0 G . 12.64 2.03 -3.44
C19 ND0 G . 13.66 1.17 -3.78
C20 ND0 G . 13.68 -0.13 -3.30
C21 ND0 G . 12.65 -0.58 -2.51
C22 ND0 G . 11.63 0.27 -2.17
C23 ND0 G . 14.70 -0.98 -3.70
C25 ND0 G . 16.66 -2.17 -4.82
C27 ND0 G . 14.98 -2.29 -3.30
C28 ND0 G . 6.49 6.92 2.05
F29 ND0 G . 6.66 5.63 1.65
F30 ND0 G . 5.16 7.19 2.17
F31 ND0 G . 7.02 7.05 3.29
N11 ND0 G . 7.91 3.59 -2.24
N16 ND0 G . 10.49 2.38 -2.21
N26 ND0 G . 16.01 -2.86 -3.90
O8 ND0 G . 5.20 6.56 -0.96
O15 ND0 G . 11.22 4.45 -2.88
S24 ND0 G . 15.85 -0.65 -4.92
H101 ND0 G . 5.97 3.97 -1.88
H131 ND0 G . 9.21 6.26 -1.34
H011 ND0 G . 8.84 10.43 -1.09
H021 ND0 G . 8.93 10.67 1.21
H031 ND0 G . 7.91 9.11 2.59
H061 ND0 G . 7.72 8.61 -2.00
H181 ND0 G . 12.62 2.90 -3.76
H191 ND0 G . 14.35 1.46 -4.34
H211 ND0 G . 12.65 -1.45 -2.19
H221 ND0 G . 10.93 -0.04 -1.65
H251 ND0 G . 17.41 -2.45 -5.32
H271 ND0 G . 14.48 -2.73 -2.67
H111 ND0 G . 7.90 2.79 -2.57
H161 ND0 G . 9.83 1.96 -1.82
S SO4 H . 5.88 -3.35 0.19
O1 SO4 H . 5.36 -4.26 1.22
O2 SO4 H . 5.27 -2.04 0.33
O3 SO4 H . 7.33 -3.24 0.32
O4 SO4 H . 5.50 -3.87 -1.12
S SO4 I . -2.18 11.83 -18.90
O1 SO4 I . -3.63 11.97 -18.99
O2 SO4 I . -1.55 13.15 -18.78
O3 SO4 I . -1.87 11.03 -17.72
O4 SO4 I . -1.68 11.18 -20.12
S SO4 J . 7.23 13.30 14.82
O1 SO4 J . 5.89 13.56 15.32
O2 SO4 J . 7.92 14.56 14.53
O3 SO4 J . 7.98 12.59 15.86
O4 SO4 J . 7.15 12.53 13.59
C TRS K . 26.99 7.14 -13.21
C1 TRS K . 26.89 6.96 -11.70
C2 TRS K . 25.61 6.94 -13.82
C3 TRS K . 27.98 6.13 -13.79
N TRS K . 27.42 8.51 -13.49
O1 TRS K . 28.16 7.15 -11.11
O2 TRS K . 25.72 7.11 -15.22
O3 TRS K . 27.49 4.83 -13.57
H11 TRS K . 26.57 6.07 -11.50
H12 TRS K . 26.27 7.62 -11.33
H21 TRS K . 25.30 6.04 -13.63
H22 TRS K . 25.00 7.59 -13.46
H31 TRS K . 28.85 6.22 -13.34
H32 TRS K . 28.09 6.28 -14.74
HN1 TRS K . 28.23 8.65 -13.16
HN2 TRS K . 26.85 9.09 -13.12
HO1 TRS K . 28.14 6.86 -10.31
HO2 TRS K . 25.68 6.34 -15.59
HO3 TRS K . 27.86 4.49 -12.88
#